data_4B9T
#
_entry.id   4B9T
#
_cell.length_a   88.381
_cell.length_b   93.775
_cell.length_c   105.608
_cell.angle_alpha   90.00
_cell.angle_beta   90.00
_cell.angle_gamma   90.00
#
_symmetry.space_group_name_H-M   'P 21 21 21'
#
loop_
_entity.id
_entity.type
_entity.pdbx_description
1 polymer 'DNA POLYMERASE'
2 polymer "5'-D(*AP*CP*CP*TP*GP*AP*CP*TP*CP*TP)-3'"
3 polymer "5'-D(*CP*AP*TP*FOXP*AP*GP*AP*GP*TP*CP*AP*GP*GP*TP*TP)-3'"
4 non-polymer 'MAGNESIUM ION'
5 non-polymer 'SULFATE ION'
6 water water
#
loop_
_entity_poly.entity_id
_entity_poly.type
_entity_poly.pdbx_seq_one_letter_code
_entity_poly.pdbx_strand_id
1 'polypeptide(L)'
;MASWSHPQFEKGASTSLYKKAGSAAAVLEENLYFQGSFTAKMAFTLADRVTEEMLADKAALVVEVVEENYHDAPIVGIAV
VNEHGRFFLRPETALADPQFVAWLGDETKKKSMFDSKRAAVALKWKGIELCGVSFDLLLAAYLLDPAQGVDDVAAAAKMK
QYEAVRPDEAVYGKGAKRAVPDEPVLAEHLVRKAAAIWALERPFLDELRRNEQDRLLVELEQPLSSILAEMEFAGVKVDT
KRLEQMGEELAEQLRTVEQRIYELAGQEFNINSPKQLGVILFEKLQLPVLKKSKTGYSTSADVLEKLAPYHEIVENILHY
RQLGKLQSTYIEGLLKVVRPDTKKVHTIFNQALTQTGRLSSTEPNLQNIPIRLEEGRKIRQAFVPSESDWLIFAADYSQI
ELRVLAHIAEDDNLMEAFRRDLDIHTKTAMDIFQVSEDEVTPNMRRQAKAVNFGIVYGISDYGLAQNLNISRKEAAEFIE
RYFESFPGVKRYMENIVQEAKQKGYVTTLLHRRRYLPDITSRNFNVRSFAERMAMNTPIQGSAADIIKKAMIDLNARLKE
ERLQARLLLQVHDELILEAPKEEMERLCRLVPEVMEQAVTLRVPLKVDYHYGSTWYDAK
;
A
2 'polydeoxyribonucleotide' (DG)(DC)(DC)(DT)(DG)(DA)(DC)(DT)(DC)(DG)(DC) B
3 'polydeoxyribonucleotide' (DC)(DA)(DA)(FOX)(DC)(DG)(DA)(DG)(DT)(DC)(DA)(DG)(DG)(DC)(DA) C
#
loop_
_chem_comp.id
_chem_comp.type
_chem_comp.name
_chem_comp.formula
DA DNA linking 2'-DEOXYADENOSINE-5'-MONOPHOSPHATE 'C10 H14 N5 O6 P'
DC DNA linking 2'-DEOXYCYTIDINE-5'-MONOPHOSPHATE 'C9 H14 N3 O7 P'
DG DNA linking 2'-DEOXYGUANOSINE-5'-MONOPHOSPHATE 'C10 H14 N5 O7 P'
DT DNA linking THYMIDINE-5'-MONOPHOSPHATE 'C10 H15 N2 O8 P'
FOX DNA linking '((1R,2S,4R)-4-{[2-AMINO-5-(FORMYLAMINO)-6-OXO-3,6-DIHYDROPYRIMIDIN-4-YL]AMINO}-2-HYDROXYCYCLOPENTYL)METHYL 5'-PHOSPHATE' 'C11 H18 N5 O7 P'
MG non-polymer 'MAGNESIUM ION' 'Mg 2'
SO4 non-polymer 'SULFATE ION' 'O4 S -2'
#
# COMPACT_ATOMS: atom_id res chain seq x y z
N ALA A 40 10.28 34.92 20.93
CA ALA A 40 10.25 34.17 19.63
C ALA A 40 8.85 33.64 19.33
N LYS A 41 7.94 33.81 20.28
CA LYS A 41 6.57 33.30 20.16
C LYS A 41 5.84 34.03 19.02
N MET A 42 5.27 33.24 18.08
CA MET A 42 4.63 33.79 16.87
C MET A 42 3.30 34.42 17.21
N ALA A 43 2.99 35.52 16.54
CA ALA A 43 1.76 36.26 16.80
C ALA A 43 0.52 35.55 16.23
N PHE A 44 -0.49 35.35 17.08
CA PHE A 44 -1.79 34.83 16.64
C PHE A 44 -2.91 35.18 17.60
N THR A 45 -4.13 35.11 17.09
CA THR A 45 -5.32 35.42 17.85
C THR A 45 -5.93 34.13 18.40
N LEU A 46 -5.94 34.00 19.71
CA LEU A 46 -6.53 32.85 20.38
C LEU A 46 -8.02 33.12 20.57
N ALA A 47 -8.79 32.82 19.53
CA ALA A 47 -10.19 33.24 19.47
C ALA A 47 -11.06 32.38 20.36
N ASP A 48 -12.02 33.03 21.02
CA ASP A 48 -13.07 32.34 21.77
C ASP A 48 -14.40 32.32 20.99
N ARG A 49 -14.38 32.80 19.74
CA ARG A 49 -15.52 32.65 18.82
C ARG A 49 -15.09 32.78 17.36
N VAL A 50 -15.90 32.29 16.44
CA VAL A 50 -15.62 32.39 15.00
C VAL A 50 -16.09 33.73 14.45
N THR A 51 -15.20 34.39 13.70
CA THR A 51 -15.53 35.67 13.06
C THR A 51 -15.33 35.55 11.56
N GLU A 52 -15.95 36.48 10.84
CA GLU A 52 -16.05 36.38 9.38
C GLU A 52 -14.69 36.47 8.66
N GLU A 53 -13.72 37.17 9.25
CA GLU A 53 -12.40 37.29 8.63
C GLU A 53 -11.63 35.97 8.66
N MET A 54 -12.08 35.01 9.47
CA MET A 54 -11.48 33.67 9.50
C MET A 54 -12.03 32.79 8.39
N LEU A 55 -13.09 33.24 7.72
CA LEU A 55 -13.74 32.45 6.69
C LEU A 55 -13.38 32.97 5.29
N ALA A 56 -12.13 33.39 5.12
CA ALA A 56 -11.61 33.83 3.81
C ALA A 56 -11.75 32.72 2.78
N ASP A 57 -11.64 33.09 1.51
CA ASP A 57 -11.75 32.09 0.46
C ASP A 57 -10.41 31.46 0.07
N LYS A 58 -9.35 31.85 0.76
CA LYS A 58 -8.07 31.13 0.70
C LYS A 58 -7.42 31.13 2.07
N ALA A 59 -7.06 29.93 2.55
CA ALA A 59 -6.50 29.78 3.89
C ALA A 59 -5.64 28.53 4.03
N ALA A 60 -4.72 28.54 5.00
CA ALA A 60 -4.09 27.32 5.46
C ALA A 60 -4.90 26.82 6.68
N LEU A 61 -5.29 25.56 6.64
CA LEU A 61 -6.13 24.98 7.68
C LEU A 61 -5.41 23.79 8.28
N VAL A 62 -5.46 23.73 9.60
CA VAL A 62 -4.96 22.60 10.35
C VAL A 62 -6.11 22.13 11.21
N VAL A 63 -6.52 20.89 11.01
CA VAL A 63 -7.45 20.19 11.92
C VAL A 63 -6.72 19.02 12.59
N GLU A 64 -6.20 19.26 13.78
CA GLU A 64 -5.24 18.34 14.40
C GLU A 64 -5.88 17.10 15.00
N VAL A 65 -5.52 15.94 14.47
CA VAL A 65 -5.89 14.67 15.09
C VAL A 65 -4.59 13.98 15.47
N VAL A 66 -4.35 13.86 16.78
CA VAL A 66 -3.06 13.41 17.28
C VAL A 66 -2.93 11.89 17.39
N GLU A 67 -4.04 11.21 17.60
CA GLU A 67 -4.04 9.76 17.68
C GLU A 67 -3.58 9.24 16.34
N GLU A 68 -2.78 8.18 16.36
CA GLU A 68 -2.23 7.63 15.14
C GLU A 68 -3.35 7.15 14.25
N ASN A 69 -4.36 6.52 14.85
CA ASN A 69 -5.52 6.07 14.11
C ASN A 69 -6.57 7.15 14.27
N TYR A 70 -6.89 7.83 13.17
CA TYR A 70 -7.80 8.98 13.21
C TYR A 70 -9.31 8.65 13.13
N HIS A 71 -9.67 7.38 12.94
CA HIS A 71 -11.07 6.95 12.93
C HIS A 71 -11.74 7.13 14.29
N ASP A 72 -12.81 7.92 14.30
CA ASP A 72 -13.58 8.31 15.50
C ASP A 72 -12.70 8.94 16.57
N ALA A 73 -11.63 9.59 16.13
CA ALA A 73 -10.59 10.13 17.02
C ALA A 73 -10.91 11.60 17.32
N PRO A 74 -10.33 12.14 18.40
CA PRO A 74 -10.60 13.54 18.73
C PRO A 74 -9.84 14.54 17.86
N ILE A 75 -10.47 15.70 17.64
CA ILE A 75 -9.82 16.84 17.02
C ILE A 75 -9.40 17.73 18.18
N VAL A 76 -8.10 17.86 18.43
CA VAL A 76 -7.63 18.58 19.64
C VAL A 76 -7.54 20.11 19.49
N GLY A 77 -7.50 20.62 18.27
CA GLY A 77 -7.43 22.05 18.04
C GLY A 77 -7.56 22.42 16.58
N ILE A 78 -7.81 23.69 16.30
CA ILE A 78 -7.86 24.16 14.92
C ILE A 78 -7.06 25.43 14.80
N ALA A 79 -6.39 25.56 13.67
CA ALA A 79 -5.69 26.78 13.34
C ALA A 79 -6.00 27.16 11.90
N VAL A 80 -6.22 28.46 11.70
CA VAL A 80 -6.45 29.04 10.39
C VAL A 80 -5.44 30.16 10.19
N VAL A 81 -4.76 30.15 9.04
CA VAL A 81 -3.95 31.26 8.61
C VAL A 81 -4.47 31.73 7.26
N ASN A 82 -4.70 33.04 7.15
CA ASN A 82 -5.08 33.66 5.89
C ASN A 82 -4.52 35.09 5.78
N GLU A 83 -4.93 35.82 4.75
CA GLU A 83 -4.49 37.19 4.57
C GLU A 83 -4.90 38.13 5.70
N HIS A 84 -5.90 37.77 6.49
CA HIS A 84 -6.32 38.59 7.64
C HIS A 84 -5.59 38.25 8.91
N GLY A 85 -4.79 37.18 8.90
CA GLY A 85 -3.98 36.86 10.07
C GLY A 85 -3.92 35.39 10.42
N ARG A 86 -3.47 35.14 11.65
CA ARG A 86 -3.36 33.80 12.19
C ARG A 86 -4.36 33.66 13.33
N PHE A 87 -5.11 32.56 13.32
CA PHE A 87 -6.12 32.30 14.34
C PHE A 87 -6.01 30.89 14.88
N PHE A 88 -6.26 30.75 16.19
CA PHE A 88 -6.46 29.44 16.81
C PHE A 88 -7.87 29.33 17.36
N LEU A 89 -8.55 28.24 17.02
CA LEU A 89 -9.91 28.01 17.43
C LEU A 89 -9.99 26.69 18.15
N ARG A 90 -10.84 26.63 19.16
CA ARG A 90 -11.11 25.37 19.85
C ARG A 90 -12.17 24.58 19.07
N PRO A 91 -12.05 23.24 19.09
CA PRO A 91 -12.92 22.36 18.31
C PRO A 91 -14.40 22.43 18.72
N GLU A 92 -14.65 22.40 20.02
CA GLU A 92 -16.00 22.57 20.58
C GLU A 92 -16.66 23.87 20.11
N THR A 93 -15.88 24.93 20.04
CA THR A 93 -16.38 26.20 19.52
C THR A 93 -16.56 26.11 18.01
N ALA A 94 -15.47 25.84 17.30
CA ALA A 94 -15.45 25.94 15.84
C ALA A 94 -16.34 24.92 15.14
N LEU A 95 -16.34 23.68 15.60
CA LEU A 95 -17.14 22.65 14.95
C LEU A 95 -18.62 22.67 15.37
N ALA A 96 -18.99 23.57 16.28
CA ALA A 96 -20.42 23.80 16.60
C ALA A 96 -20.97 25.08 15.95
N ASP A 97 -20.13 25.77 15.17
CA ASP A 97 -20.46 27.05 14.57
C ASP A 97 -20.95 26.82 13.13
N PRO A 98 -22.22 27.15 12.86
CA PRO A 98 -22.82 26.94 11.52
C PRO A 98 -22.06 27.64 10.38
N GLN A 99 -21.51 28.82 10.66
CA GLN A 99 -20.76 29.57 9.68
C GLN A 99 -19.49 28.81 9.35
N PHE A 100 -18.75 28.41 10.37
CA PHE A 100 -17.46 27.73 10.17
C PHE A 100 -17.65 26.41 9.43
N VAL A 101 -18.63 25.62 9.83
CA VAL A 101 -18.90 24.31 9.22
C VAL A 101 -19.33 24.44 7.77
N ALA A 102 -20.13 25.45 7.47
CA ALA A 102 -20.46 25.78 6.07
C ALA A 102 -19.20 26.10 5.26
N TRP A 103 -18.30 26.88 5.86
CA TRP A 103 -17.02 27.26 5.21
C TRP A 103 -16.14 26.04 4.88
N LEU A 104 -16.10 25.09 5.82
CA LEU A 104 -15.40 23.82 5.68
C LEU A 104 -15.95 23.05 4.51
N GLY A 105 -17.27 23.10 4.36
CA GLY A 105 -17.96 22.31 3.34
C GLY A 105 -18.10 23.00 2.00
N ASP A 106 -17.75 24.28 1.94
CA ASP A 106 -17.85 25.06 0.70
C ASP A 106 -16.63 24.83 -0.20
N GLU A 107 -16.86 24.11 -1.29
CA GLU A 107 -15.80 23.78 -2.25
C GLU A 107 -15.12 25.02 -2.84
N THR A 108 -15.87 26.12 -2.95
CA THR A 108 -15.33 27.35 -3.54
C THR A 108 -14.35 28.03 -2.62
N LYS A 109 -14.38 27.61 -1.35
CA LYS A 109 -13.46 28.09 -0.32
C LYS A 109 -12.22 27.21 -0.25
N LYS A 110 -11.10 27.74 -0.72
CA LYS A 110 -9.90 26.93 -0.94
C LYS A 110 -9.07 26.79 0.30
N LYS A 111 -8.56 25.57 0.53
CA LYS A 111 -7.82 25.25 1.74
C LYS A 111 -6.51 24.51 1.45
N SER A 112 -5.48 24.87 2.20
CA SER A 112 -4.17 24.26 2.08
C SER A 112 -3.87 23.53 3.38
N MET A 113 -3.49 22.27 3.29
CA MET A 113 -3.36 21.45 4.48
C MET A 113 -2.21 20.50 4.35
N PHE A 114 -1.89 19.84 5.46
CA PHE A 114 -0.97 18.72 5.49
C PHE A 114 -1.77 17.49 5.93
N ASP A 115 -1.83 16.48 5.06
CA ASP A 115 -2.56 15.24 5.36
C ASP A 115 -4.06 15.50 5.53
N SER A 116 -4.66 16.00 4.47
CA SER A 116 -6.07 16.39 4.48
C SER A 116 -7.03 15.20 4.65
N LYS A 117 -6.60 14.01 4.25
CA LYS A 117 -7.38 12.79 4.45
C LYS A 117 -7.64 12.54 5.93
N ARG A 118 -6.63 12.77 6.75
CA ARG A 118 -6.74 12.56 8.20
C ARG A 118 -7.84 13.43 8.77
N ALA A 119 -7.82 14.70 8.38
CA ALA A 119 -8.76 15.68 8.85
C ALA A 119 -10.16 15.37 8.30
N ALA A 120 -10.22 15.16 7.00
CA ALA A 120 -11.46 14.78 6.35
C ALA A 120 -12.18 13.62 7.04
N VAL A 121 -11.48 12.51 7.29
CA VAL A 121 -12.12 11.33 7.91
C VAL A 121 -12.59 11.61 9.33
N ALA A 122 -11.73 12.20 10.15
CA ALA A 122 -12.07 12.54 11.52
C ALA A 122 -13.32 13.45 11.59
N LEU A 123 -13.43 14.38 10.63
CA LEU A 123 -14.57 15.28 10.55
C LEU A 123 -15.83 14.54 10.10
N LYS A 124 -15.60 13.49 9.33
CA LYS A 124 -16.66 12.64 8.81
C LYS A 124 -17.33 11.82 9.92
N TRP A 125 -16.56 11.41 10.93
CA TRP A 125 -17.12 10.73 12.08
C TRP A 125 -17.92 11.69 12.96
N LYS A 126 -17.70 12.98 12.76
CA LYS A 126 -18.49 14.02 13.42
C LYS A 126 -19.63 14.53 12.53
N GLY A 127 -19.77 13.97 11.34
CA GLY A 127 -20.83 14.37 10.44
C GLY A 127 -20.55 15.73 9.81
N ILE A 128 -19.30 16.00 9.45
CA ILE A 128 -18.92 17.25 8.79
C ILE A 128 -18.07 16.97 7.55
N GLU A 129 -18.44 17.56 6.42
CA GLU A 129 -17.69 17.39 5.19
C GLU A 129 -16.55 18.39 5.13
N LEU A 130 -15.42 17.97 4.57
CA LEU A 130 -14.34 18.87 4.26
C LEU A 130 -14.27 19.03 2.75
N CYS A 131 -14.38 20.23 2.25
CA CYS A 131 -14.24 20.48 0.81
C CYS A 131 -13.33 21.66 0.56
N GLY A 132 -12.76 21.72 -0.64
CA GLY A 132 -12.00 22.88 -1.07
C GLY A 132 -10.49 22.75 -0.93
N VAL A 133 -10.02 21.53 -0.68
CA VAL A 133 -8.58 21.32 -0.49
C VAL A 133 -7.91 21.41 -1.86
N SER A 134 -7.17 22.50 -2.11
CA SER A 134 -6.51 22.69 -3.41
C SER A 134 -5.02 22.35 -3.36
N PHE A 135 -4.50 22.08 -2.17
CA PHE A 135 -3.08 21.79 -1.97
C PHE A 135 -2.87 20.97 -0.70
N ASP A 136 -2.23 19.80 -0.84
CA ASP A 136 -1.82 18.99 0.32
C ASP A 136 -0.29 18.85 0.38
N LEU A 137 0.30 19.48 1.39
CA LEU A 137 1.75 19.51 1.57
C LEU A 137 2.36 18.13 1.80
N LEU A 138 1.65 17.19 2.41
CA LEU A 138 2.18 15.82 2.58
C LEU A 138 2.40 15.17 1.23
N LEU A 139 1.36 15.21 0.41
CA LEU A 139 1.34 14.62 -0.91
C LEU A 139 2.28 15.32 -1.90
N ALA A 140 2.45 16.63 -1.74
CA ALA A 140 3.34 17.40 -2.63
C ALA A 140 4.80 17.05 -2.31
N ALA A 141 5.09 16.89 -1.02
CA ALA A 141 6.42 16.46 -0.54
C ALA A 141 6.72 15.04 -1.03
N TYR A 142 5.71 14.19 -0.98
CA TYR A 142 5.79 12.81 -1.44
C TYR A 142 6.12 12.70 -2.94
N LEU A 143 5.42 13.46 -3.76
CA LEU A 143 5.71 13.43 -5.20
C LEU A 143 7.10 13.92 -5.55
N LEU A 144 7.59 14.93 -4.82
CA LEU A 144 8.91 15.54 -5.06
C LEU A 144 10.07 14.64 -4.69
N ASP A 145 9.95 13.91 -3.60
CA ASP A 145 10.96 12.94 -3.19
C ASP A 145 10.40 12.00 -2.11
N PRO A 146 9.93 10.82 -2.52
CA PRO A 146 9.40 9.87 -1.53
C PRO A 146 10.44 9.35 -0.56
N ALA A 147 11.72 9.47 -0.94
CA ALA A 147 12.83 8.96 -0.11
C ALA A 147 12.93 9.69 1.24
N GLN A 148 12.63 11.00 1.24
CA GLN A 148 12.73 11.81 2.45
C GLN A 148 11.88 11.28 3.59
N GLY A 149 10.78 10.62 3.28
CA GLY A 149 9.95 10.03 4.32
C GLY A 149 9.28 11.10 5.17
N VAL A 150 8.88 12.20 4.52
CA VAL A 150 8.14 13.26 5.17
C VAL A 150 6.90 12.70 5.88
N ASP A 151 6.82 12.89 7.20
CA ASP A 151 5.66 12.43 8.01
C ASP A 151 5.06 13.53 8.88
N ASP A 152 5.66 14.70 8.86
CA ASP A 152 5.10 15.87 9.51
C ASP A 152 5.47 17.13 8.75
N VAL A 153 4.74 18.19 9.04
CA VAL A 153 5.00 19.50 8.45
C VAL A 153 6.46 19.96 8.56
N ALA A 154 7.08 19.71 9.71
CA ALA A 154 8.46 20.19 9.94
C ALA A 154 9.45 19.56 8.94
N ALA A 155 9.23 18.29 8.61
CA ALA A 155 10.09 17.53 7.70
C ALA A 155 9.93 18.01 6.25
N ALA A 156 8.69 18.29 5.86
CA ALA A 156 8.42 18.92 4.56
C ALA A 156 9.06 20.29 4.50
N ALA A 157 8.93 21.06 5.56
CA ALA A 157 9.45 22.43 5.61
C ALA A 157 10.96 22.52 5.43
N LYS A 158 11.67 21.56 5.99
CA LYS A 158 13.12 21.51 5.96
C LYS A 158 13.66 21.43 4.54
N MET A 159 12.88 20.84 3.65
CA MET A 159 13.24 20.70 2.25
C MET A 159 13.47 22.08 1.61
N LYS A 160 12.73 23.08 2.06
CA LYS A 160 12.85 24.43 1.53
C LYS A 160 13.48 25.39 2.54
N GLN A 161 14.36 24.84 3.37
CA GLN A 161 15.10 25.63 4.37
C GLN A 161 14.19 26.48 5.26
N TYR A 162 13.10 25.87 5.73
CA TYR A 162 12.16 26.52 6.63
C TYR A 162 12.15 25.71 7.92
N GLU A 163 12.58 26.34 9.01
CA GLU A 163 12.72 25.65 10.28
C GLU A 163 11.94 26.31 11.43
N ALA A 164 11.06 27.24 11.09
CA ALA A 164 10.23 27.94 12.08
C ALA A 164 8.99 27.13 12.51
N VAL A 165 9.14 25.81 12.55
CA VAL A 165 8.08 24.91 12.99
C VAL A 165 8.70 23.70 13.67
N ARG A 166 8.09 23.25 14.78
CA ARG A 166 8.62 22.10 15.51
C ARG A 166 8.06 20.80 14.92
N PRO A 167 8.84 19.72 14.94
CA PRO A 167 8.30 18.40 14.66
C PRO A 167 7.28 17.95 15.70
N ASP A 168 6.25 17.23 15.25
CA ASP A 168 5.18 16.75 16.10
C ASP A 168 5.75 15.94 17.26
N GLU A 169 6.69 15.04 16.95
CA GLU A 169 7.37 14.22 17.97
C GLU A 169 8.02 15.05 19.09
N ALA A 170 8.40 16.29 18.79
CA ALA A 170 9.01 17.16 19.78
C ALA A 170 7.95 17.84 20.63
N VAL A 171 6.72 17.91 20.13
CA VAL A 171 5.65 18.63 20.84
C VAL A 171 4.73 17.65 21.56
N TYR A 172 4.35 16.58 20.88
CA TYR A 172 3.47 15.58 21.47
C TYR A 172 4.26 14.50 22.21
N GLY A 173 5.55 14.39 21.93
CA GLY A 173 6.35 13.32 22.51
C GLY A 173 6.12 12.04 21.74
N LYS A 174 6.54 10.91 22.31
CA LYS A 174 6.38 9.61 21.64
C LYS A 174 6.27 8.44 22.61
N GLY A 175 5.64 7.36 22.14
CA GLY A 175 5.43 6.18 22.96
C GLY A 175 4.43 6.47 24.07
N ALA A 176 4.62 5.81 25.21
CA ALA A 176 3.77 5.99 26.39
C ALA A 176 3.75 7.44 26.88
N LYS A 177 4.83 8.19 26.65
CA LYS A 177 4.91 9.61 27.06
C LYS A 177 4.17 10.58 26.12
N ARG A 178 3.50 10.06 25.10
CA ARG A 178 2.86 10.87 24.07
C ARG A 178 1.60 11.53 24.64
N ALA A 179 1.70 12.82 24.93
CA ALA A 179 0.58 13.57 25.48
C ALA A 179 0.27 14.82 24.67
N VAL A 180 -0.96 15.31 24.83
CA VAL A 180 -1.39 16.56 24.21
C VAL A 180 -1.06 17.66 25.19
N PRO A 181 -0.22 18.63 24.78
CA PRO A 181 0.25 19.65 25.71
C PRO A 181 -0.80 20.69 26.01
N ASP A 182 -0.49 21.60 26.93
CA ASP A 182 -1.40 22.67 27.32
C ASP A 182 -1.74 23.58 26.14
N GLU A 183 -2.84 24.29 26.30
CA GLU A 183 -3.40 25.11 25.24
C GLU A 183 -2.43 26.16 24.66
N PRO A 184 -1.63 26.84 25.50
CA PRO A 184 -0.70 27.81 24.94
C PRO A 184 0.33 27.18 24.00
N VAL A 185 0.88 26.03 24.39
CA VAL A 185 1.85 25.31 23.56
C VAL A 185 1.17 24.72 22.29
N LEU A 186 0.17 23.88 22.49
CA LEU A 186 -0.63 23.33 21.39
C LEU A 186 -0.98 24.39 20.34
N ALA A 187 -1.59 25.49 20.78
CA ALA A 187 -2.03 26.53 19.86
C ALA A 187 -0.87 27.18 19.09
N GLU A 188 0.25 27.36 19.79
CA GLU A 188 1.43 27.93 19.17
C GLU A 188 1.89 27.01 18.04
N HIS A 189 1.94 25.71 18.35
CA HIS A 189 2.39 24.71 17.39
C HIS A 189 1.51 24.63 16.14
N LEU A 190 0.19 24.63 16.30
CA LEU A 190 -0.72 24.49 15.16
C LEU A 190 -0.67 25.71 14.25
N VAL A 191 -0.55 26.90 14.84
CA VAL A 191 -0.42 28.13 14.05
C VAL A 191 0.86 28.12 13.24
N ARG A 192 1.92 27.57 13.83
CA ARG A 192 3.21 27.48 13.13
C ARG A 192 3.19 26.53 11.93
N LYS A 193 2.45 25.43 12.08
CA LYS A 193 2.26 24.48 10.99
C LYS A 193 1.41 25.10 9.89
N ALA A 194 0.40 25.87 10.30
CA ALA A 194 -0.44 26.58 9.34
C ALA A 194 0.35 27.64 8.57
N ALA A 195 1.18 28.40 9.29
CA ALA A 195 2.00 29.44 8.66
C ALA A 195 2.98 28.82 7.67
N ALA A 196 3.50 27.65 8.05
CA ALA A 196 4.40 26.86 7.22
C ALA A 196 3.71 26.41 5.90
N ILE A 197 2.52 25.84 6.03
CA ILE A 197 1.73 25.48 4.86
C ILE A 197 1.47 26.71 3.97
N TRP A 198 1.14 27.82 4.62
CA TRP A 198 0.84 29.05 3.93
C TRP A 198 2.08 29.54 3.16
N ALA A 199 3.26 29.42 3.75
CA ALA A 199 4.50 29.90 3.12
C ALA A 199 5.02 28.96 2.04
N LEU A 200 4.86 27.66 2.28
CA LEU A 200 5.46 26.64 1.44
C LEU A 200 4.62 26.17 0.26
N GLU A 201 3.36 26.59 0.17
CA GLU A 201 2.53 26.21 -0.97
C GLU A 201 3.23 26.56 -2.25
N ARG A 202 3.62 27.83 -2.36
CA ARG A 202 4.11 28.37 -3.62
C ARG A 202 5.40 27.68 -4.07
N PRO A 203 6.41 27.56 -3.19
CA PRO A 203 7.64 26.90 -3.63
C PRO A 203 7.46 25.44 -4.02
N PHE A 204 6.56 24.73 -3.35
CA PHE A 204 6.34 23.30 -3.65
C PHE A 204 5.65 23.07 -4.96
N LEU A 205 4.70 23.95 -5.30
CA LEU A 205 4.01 23.91 -6.58
C LEU A 205 4.95 24.31 -7.71
N ASP A 206 5.88 25.20 -7.43
CA ASP A 206 6.88 25.59 -8.43
C ASP A 206 7.79 24.43 -8.82
N GLU A 207 8.36 23.72 -7.85
CA GLU A 207 9.20 22.57 -8.18
C GLU A 207 8.38 21.49 -8.89
N LEU A 208 7.18 21.19 -8.38
CA LEU A 208 6.25 20.28 -9.03
C LEU A 208 6.03 20.65 -10.49
N ARG A 209 5.83 21.94 -10.75
CA ARG A 209 5.67 22.45 -12.11
C ARG A 209 6.92 22.14 -12.97
N ARG A 210 8.10 22.44 -12.43
CA ARG A 210 9.36 22.17 -13.15
C ARG A 210 9.58 20.68 -13.42
N ASN A 211 9.12 19.84 -12.51
CA ASN A 211 9.16 18.38 -12.67
C ASN A 211 8.02 17.79 -13.48
N GLU A 212 7.12 18.62 -13.98
CA GLU A 212 5.92 18.15 -14.69
C GLU A 212 5.06 17.22 -13.80
N GLN A 213 5.02 17.55 -12.52
CA GLN A 213 4.28 16.77 -11.52
C GLN A 213 3.11 17.55 -10.96
N ASP A 214 2.77 18.69 -11.57
CA ASP A 214 1.71 19.54 -11.03
C ASP A 214 0.31 18.94 -11.26
N ARG A 215 0.06 18.41 -12.47
CA ARG A 215 -1.20 17.71 -12.73
C ARG A 215 -1.25 16.46 -11.86
N LEU A 216 -0.11 15.77 -11.76
CA LEU A 216 -0.03 14.55 -10.97
C LEU A 216 -0.53 14.75 -9.54
N LEU A 217 -0.31 15.93 -8.99
CA LEU A 217 -0.81 16.22 -7.66
C LEU A 217 -2.28 16.66 -7.68
N VAL A 218 -2.59 17.65 -8.51
CA VAL A 218 -3.92 18.27 -8.52
C VAL A 218 -5.00 17.37 -9.16
N GLU A 219 -4.60 16.49 -10.08
CA GLU A 219 -5.55 15.65 -10.80
C GLU A 219 -5.52 14.16 -10.45
N LEU A 220 -4.51 13.69 -9.72
CA LEU A 220 -4.43 12.29 -9.37
C LEU A 220 -4.39 12.12 -7.86
N GLU A 221 -3.30 12.53 -7.23
CA GLU A 221 -3.09 12.21 -5.82
C GLU A 221 -4.11 12.87 -4.88
N GLN A 222 -4.43 14.14 -5.10
CA GLN A 222 -5.35 14.86 -4.21
C GLN A 222 -6.81 14.38 -4.36
N PRO A 223 -7.28 14.23 -5.61
CA PRO A 223 -8.60 13.64 -5.81
C PRO A 223 -8.68 12.24 -5.27
N LEU A 224 -7.61 11.46 -5.41
CA LEU A 224 -7.56 10.11 -4.86
C LEU A 224 -7.67 10.14 -3.33
N SER A 225 -7.14 11.19 -2.71
CA SER A 225 -7.25 11.34 -1.25
C SER A 225 -8.68 11.28 -0.78
N SER A 226 -9.53 12.03 -1.49
CA SER A 226 -10.95 12.10 -1.19
C SER A 226 -11.61 10.75 -1.33
N ILE A 227 -11.28 10.05 -2.42
CA ILE A 227 -11.85 8.74 -2.68
C ILE A 227 -11.46 7.77 -1.58
N LEU A 228 -10.17 7.76 -1.22
CA LEU A 228 -9.68 6.88 -0.17
C LEU A 228 -10.31 7.21 1.18
N ALA A 229 -10.65 8.48 1.37
CA ALA A 229 -11.27 8.92 2.62
C ALA A 229 -12.68 8.30 2.80
N GLU A 230 -13.45 8.27 1.70
CA GLU A 230 -14.76 7.64 1.70
C GLU A 230 -14.64 6.14 1.95
N MET A 231 -13.64 5.51 1.32
CA MET A 231 -13.45 4.06 1.40
C MET A 231 -13.14 3.67 2.84
N GLU A 232 -12.27 4.45 3.48
CA GLU A 232 -11.87 4.17 4.83
C GLU A 232 -13.02 4.40 5.81
N PHE A 233 -13.79 5.46 5.57
CA PHE A 233 -14.95 5.78 6.39
C PHE A 233 -16.02 4.70 6.25
N ALA A 234 -16.31 4.30 5.01
CA ALA A 234 -17.31 3.26 4.74
C ALA A 234 -16.96 2.00 5.51
N GLY A 235 -15.72 1.56 5.36
CA GLY A 235 -15.24 0.37 6.05
C GLY A 235 -15.69 -0.88 5.34
N VAL A 236 -15.30 -2.02 5.90
CA VAL A 236 -15.69 -3.32 5.38
C VAL A 236 -16.26 -4.17 6.51
N LYS A 237 -17.47 -4.68 6.28
CA LYS A 237 -18.19 -5.47 7.27
C LYS A 237 -17.48 -6.82 7.48
N VAL A 238 -17.39 -7.26 8.74
CA VAL A 238 -16.71 -8.51 9.11
C VAL A 238 -17.68 -9.43 9.84
N ASP A 239 -17.71 -10.69 9.43
CA ASP A 239 -18.45 -11.71 10.15
C ASP A 239 -17.59 -12.17 11.31
N THR A 240 -17.76 -11.55 12.48
CA THR A 240 -16.93 -11.88 13.63
C THR A 240 -17.17 -13.32 14.11
N LYS A 241 -18.41 -13.76 14.03
CA LYS A 241 -18.75 -15.12 14.46
C LYS A 241 -18.00 -16.13 13.64
N ARG A 242 -17.99 -15.94 12.33
CA ARG A 242 -17.24 -16.82 11.46
C ARG A 242 -15.77 -16.83 11.91
N LEU A 243 -15.14 -15.66 12.00
CA LEU A 243 -13.76 -15.56 12.48
C LEU A 243 -13.57 -16.30 13.81
N GLU A 244 -14.51 -16.16 14.73
CA GLU A 244 -14.36 -16.78 16.06
C GLU A 244 -14.34 -18.29 15.96
N GLN A 245 -15.33 -18.85 15.27
CA GLN A 245 -15.40 -20.29 15.09
C GLN A 245 -14.20 -20.81 14.30
N MET A 246 -13.59 -19.97 13.45
CA MET A 246 -12.34 -20.35 12.80
C MET A 246 -11.22 -20.42 13.83
N GLY A 247 -11.11 -19.40 14.66
CA GLY A 247 -10.10 -19.35 15.71
C GLY A 247 -10.24 -20.50 16.69
N GLU A 248 -11.47 -20.99 16.85
CA GLU A 248 -11.73 -22.18 17.69
C GLU A 248 -11.14 -23.44 17.03
N GLU A 249 -11.29 -23.56 15.73
CA GLU A 249 -10.74 -24.71 14.98
C GLU A 249 -9.20 -24.72 15.06
N LEU A 250 -8.58 -23.60 14.71
CA LEU A 250 -7.12 -23.49 14.78
C LEU A 250 -6.64 -23.82 16.19
N ALA A 251 -7.24 -23.18 17.18
CA ALA A 251 -6.86 -23.36 18.58
C ALA A 251 -6.74 -24.84 18.90
N GLU A 252 -7.76 -25.60 18.52
CA GLU A 252 -7.77 -27.03 18.81
C GLU A 252 -6.68 -27.78 18.03
N GLN A 253 -6.46 -27.35 16.79
CA GLN A 253 -5.42 -27.95 15.94
C GLN A 253 -4.01 -27.63 16.42
N LEU A 254 -3.78 -26.37 16.78
CA LEU A 254 -2.49 -25.97 17.35
C LEU A 254 -2.15 -26.82 18.55
N ARG A 255 -3.15 -27.09 19.39
CA ARG A 255 -2.93 -27.87 20.62
C ARG A 255 -2.56 -29.30 20.34
N THR A 256 -3.21 -29.91 19.35
CA THR A 256 -2.82 -31.25 18.90
C THR A 256 -1.38 -31.26 18.33
N VAL A 257 -1.04 -30.24 17.56
CA VAL A 257 0.29 -30.13 16.93
C VAL A 257 1.38 -29.69 17.92
N GLU A 258 1.03 -28.84 18.88
CA GLU A 258 1.97 -28.38 19.89
C GLU A 258 2.45 -29.55 20.76
N GLN A 259 1.53 -30.45 21.10
CA GLN A 259 1.85 -31.62 21.92
C GLN A 259 2.71 -32.61 21.14
N ARG A 260 2.35 -32.85 19.89
CA ARG A 260 3.10 -33.76 19.01
C ARG A 260 4.56 -33.31 18.97
N ILE A 261 4.75 -32.02 18.76
CA ILE A 261 6.08 -31.43 18.74
C ILE A 261 6.87 -31.76 20.02
N TYR A 262 6.25 -31.60 21.19
CA TYR A 262 6.95 -31.86 22.47
C TYR A 262 7.33 -33.33 22.61
N GLU A 263 6.40 -34.21 22.28
CA GLU A 263 6.64 -35.66 22.35
C GLU A 263 7.86 -36.07 21.55
N LEU A 264 7.95 -35.53 20.34
CA LEU A 264 9.08 -35.79 19.45
C LEU A 264 10.34 -35.09 19.96
N ALA A 265 10.16 -33.93 20.57
CA ALA A 265 11.28 -33.20 21.16
C ALA A 265 11.68 -33.87 22.47
N GLY A 266 10.74 -34.60 23.06
CA GLY A 266 10.95 -35.24 24.35
C GLY A 266 10.88 -34.25 25.50
N GLN A 267 10.43 -33.03 25.22
CA GLN A 267 10.34 -31.98 26.23
C GLN A 267 9.53 -30.78 25.73
N GLU A 268 9.34 -29.80 26.61
CA GLU A 268 8.54 -28.63 26.29
C GLU A 268 9.41 -27.39 26.18
N PHE A 269 9.24 -26.64 25.10
CA PHE A 269 10.00 -25.42 24.85
C PHE A 269 9.07 -24.44 24.15
N ASN A 270 9.43 -23.16 24.10
CA ASN A 270 8.62 -22.21 23.37
C ASN A 270 8.95 -22.36 21.88
N ILE A 271 7.99 -22.92 21.15
CA ILE A 271 8.15 -23.20 19.72
C ILE A 271 8.33 -21.90 18.94
N ASN A 272 7.71 -20.84 19.45
CA ASN A 272 7.72 -19.52 18.82
C ASN A 272 9.02 -18.76 19.00
N SER A 273 9.95 -19.32 19.78
CA SER A 273 11.27 -18.74 19.97
C SER A 273 12.27 -19.40 19.04
N PRO A 274 12.71 -18.68 17.98
CA PRO A 274 13.76 -19.19 17.09
C PRO A 274 15.03 -19.66 17.80
N LYS A 275 15.42 -18.97 18.86
CA LYS A 275 16.57 -19.37 19.65
C LYS A 275 16.36 -20.76 20.32
N GLN A 276 15.20 -20.99 20.93
CA GLN A 276 14.93 -22.25 21.64
C GLN A 276 14.74 -23.42 20.69
N LEU A 277 14.09 -23.14 19.55
CA LEU A 277 13.85 -24.14 18.52
C LEU A 277 15.17 -24.61 17.92
N GLY A 278 16.03 -23.65 17.64
CA GLY A 278 17.35 -23.92 17.08
C GLY A 278 18.17 -24.84 17.96
N VAL A 279 18.00 -24.71 19.28
CA VAL A 279 18.70 -25.61 20.23
C VAL A 279 18.16 -27.02 20.17
N ILE A 280 16.84 -27.15 20.07
CA ILE A 280 16.19 -28.46 19.97
C ILE A 280 16.57 -29.14 18.66
N LEU A 281 16.42 -28.40 17.56
CA LEU A 281 16.67 -28.94 16.23
C LEU A 281 18.14 -29.29 16.02
N PHE A 282 18.99 -28.28 16.21
CA PHE A 282 20.38 -28.39 15.78
C PHE A 282 21.38 -28.83 16.85
N GLU A 283 20.91 -29.03 18.09
CA GLU A 283 21.80 -29.53 19.15
C GLU A 283 21.31 -30.86 19.71
N LYS A 284 20.06 -30.90 20.18
CA LYS A 284 19.53 -32.15 20.74
C LYS A 284 19.29 -33.23 19.68
N LEU A 285 18.76 -32.83 18.52
CA LEU A 285 18.47 -33.79 17.45
C LEU A 285 19.58 -33.83 16.41
N GLN A 286 20.60 -32.98 16.58
CA GLN A 286 21.80 -32.95 15.73
C GLN A 286 21.47 -32.77 14.25
N LEU A 287 20.49 -31.93 13.93
CA LEU A 287 20.11 -31.78 12.54
C LEU A 287 21.15 -30.92 11.83
N PRO A 288 21.35 -31.15 10.53
CA PRO A 288 22.31 -30.39 9.73
C PRO A 288 22.03 -28.90 9.71
N VAL A 289 23.06 -28.10 9.92
CA VAL A 289 22.92 -26.66 9.84
C VAL A 289 23.19 -26.19 8.41
N LEU A 290 22.11 -25.91 7.68
CA LEU A 290 22.18 -25.50 6.27
C LEU A 290 22.39 -24.00 6.05
N LYS A 291 21.91 -23.18 6.99
CA LYS A 291 21.98 -21.71 6.86
C LYS A 291 22.17 -21.10 8.25
N LYS A 292 22.85 -19.96 8.30
CA LYS A 292 23.09 -19.30 9.58
C LYS A 292 22.51 -17.89 9.60
N SER A 293 22.24 -17.42 10.80
CA SER A 293 21.72 -16.07 11.00
C SER A 293 22.75 -15.34 11.84
N LYS A 294 22.78 -14.03 11.76
CA LYS A 294 23.75 -13.28 12.52
C LYS A 294 23.49 -13.62 13.98
N THR A 295 22.21 -13.67 14.32
CA THR A 295 21.77 -13.99 15.66
C THR A 295 22.11 -15.42 16.08
N GLY A 296 21.97 -16.36 15.15
CA GLY A 296 22.18 -17.77 15.43
C GLY A 296 21.70 -18.64 14.28
N TYR A 297 21.34 -19.89 14.58
CA TYR A 297 20.87 -20.81 13.55
C TYR A 297 19.57 -20.35 12.88
N SER A 298 19.53 -20.51 11.56
CA SER A 298 18.34 -20.21 10.74
C SER A 298 17.27 -21.31 10.87
N THR A 299 16.03 -20.90 11.16
CA THR A 299 14.90 -21.82 11.30
C THR A 299 13.80 -21.53 10.26
N SER A 300 14.18 -20.85 9.18
CA SER A 300 13.27 -20.47 8.10
C SER A 300 12.62 -21.69 7.42
N ALA A 301 11.37 -21.52 6.98
CA ALA A 301 10.62 -22.57 6.28
C ALA A 301 11.39 -23.19 5.13
N ASP A 302 12.06 -22.38 4.32
CA ASP A 302 12.88 -22.92 3.21
C ASP A 302 13.99 -23.85 3.73
N VAL A 303 14.61 -23.49 4.86
CA VAL A 303 15.61 -24.35 5.48
C VAL A 303 14.98 -25.63 6.03
N LEU A 304 13.85 -25.47 6.73
CA LEU A 304 13.17 -26.57 7.41
C LEU A 304 12.57 -27.58 6.44
N GLU A 305 12.16 -27.07 5.28
CA GLU A 305 11.66 -27.86 4.17
C GLU A 305 12.65 -28.94 3.75
N LYS A 306 13.94 -28.63 3.84
CA LYS A 306 15.01 -29.56 3.48
C LYS A 306 15.43 -30.49 4.63
N LEU A 307 15.06 -30.11 5.85
CA LEU A 307 15.40 -30.89 7.04
C LEU A 307 14.34 -31.95 7.36
N ALA A 308 13.20 -31.87 6.68
CA ALA A 308 12.07 -32.75 6.98
C ALA A 308 12.43 -34.24 6.98
N PRO A 309 13.15 -34.70 5.95
CA PRO A 309 13.56 -36.11 5.85
C PRO A 309 14.30 -36.68 7.07
N TYR A 310 14.99 -35.83 7.82
CA TYR A 310 15.84 -36.27 8.94
C TYR A 310 15.08 -36.58 10.22
N HIS A 311 14.00 -35.84 10.45
CA HIS A 311 13.21 -36.05 11.66
C HIS A 311 11.74 -35.63 11.48
N GLU A 312 10.86 -36.34 12.19
CA GLU A 312 9.42 -36.16 12.10
C GLU A 312 8.94 -34.86 12.75
N ILE A 313 9.78 -34.29 13.62
CA ILE A 313 9.45 -33.05 14.30
C ILE A 313 9.40 -31.87 13.34
N VAL A 314 10.08 -31.97 12.21
CA VAL A 314 10.22 -30.84 11.30
C VAL A 314 8.90 -30.44 10.65
N GLU A 315 8.18 -31.42 10.10
CA GLU A 315 6.91 -31.16 9.38
C GLU A 315 5.84 -30.62 10.32
N ASN A 316 5.81 -31.14 11.54
CA ASN A 316 4.92 -30.64 12.57
C ASN A 316 5.19 -29.16 12.89
N ILE A 317 6.47 -28.77 12.91
CA ILE A 317 6.83 -27.38 13.22
C ILE A 317 6.39 -26.44 12.13
N LEU A 318 6.54 -26.87 10.88
CA LEU A 318 6.08 -26.10 9.74
C LEU A 318 4.58 -25.89 9.84
N HIS A 319 3.88 -26.98 10.10
CA HIS A 319 2.42 -26.99 10.24
C HIS A 319 1.98 -26.07 11.38
N TYR A 320 2.72 -26.09 12.48
CA TYR A 320 2.43 -25.27 13.65
C TYR A 320 2.57 -23.79 13.36
N ARG A 321 3.64 -23.44 12.63
CA ARG A 321 3.91 -22.05 12.30
C ARG A 321 2.87 -21.44 11.40
N GLN A 322 2.42 -22.19 10.40
CA GLN A 322 1.41 -21.65 9.48
C GLN A 322 0.07 -21.53 10.20
N LEU A 323 -0.32 -22.55 10.97
CA LEU A 323 -1.52 -22.43 11.81
C LEU A 323 -1.39 -21.25 12.79
N GLY A 324 -0.23 -21.12 13.42
CA GLY A 324 0.01 -20.03 14.34
C GLY A 324 0.11 -18.69 13.65
N LYS A 325 0.57 -18.68 12.41
CA LYS A 325 0.64 -17.44 11.65
C LYS A 325 -0.79 -16.99 11.38
N LEU A 326 -1.59 -17.94 10.96
CA LEU A 326 -2.95 -17.70 10.58
C LEU A 326 -3.79 -17.23 11.78
N GLN A 327 -3.58 -17.90 12.91
CA GLN A 327 -4.28 -17.59 14.15
C GLN A 327 -3.95 -16.22 14.74
N SER A 328 -2.67 -15.86 14.78
CA SER A 328 -2.25 -14.67 15.49
C SER A 328 -2.28 -13.41 14.64
N THR A 329 -1.92 -13.53 13.37
CA THR A 329 -1.91 -12.37 12.44
C THR A 329 -3.26 -12.07 11.83
N TYR A 330 -4.03 -13.10 11.49
CA TYR A 330 -5.25 -12.89 10.71
C TYR A 330 -6.58 -13.16 11.40
N ILE A 331 -6.56 -13.91 12.50
CA ILE A 331 -7.77 -14.12 13.26
C ILE A 331 -7.81 -13.18 14.45
N GLU A 332 -6.85 -13.32 15.36
CA GLU A 332 -6.76 -12.42 16.51
C GLU A 332 -6.48 -10.98 16.11
N GLY A 333 -5.58 -10.78 15.15
CA GLY A 333 -5.24 -9.44 14.66
C GLY A 333 -6.43 -8.71 14.06
N LEU A 334 -7.21 -9.44 13.27
CA LEU A 334 -8.38 -8.89 12.63
C LEU A 334 -9.46 -8.54 13.66
N LEU A 335 -9.74 -9.47 14.58
CA LEU A 335 -10.79 -9.30 15.61
C LEU A 335 -10.53 -8.09 16.47
N LYS A 336 -9.27 -7.86 16.77
CA LYS A 336 -8.83 -6.73 17.58
C LYS A 336 -9.13 -5.36 16.98
N VAL A 337 -9.04 -5.24 15.66
CA VAL A 337 -9.31 -3.97 14.95
C VAL A 337 -10.75 -3.81 14.40
N VAL A 338 -11.59 -4.83 14.56
CA VAL A 338 -13.01 -4.69 14.20
C VAL A 338 -13.70 -3.82 15.23
N ARG A 339 -14.47 -2.84 14.76
CA ARG A 339 -15.20 -1.98 15.69
C ARG A 339 -16.49 -2.64 16.12
N PRO A 340 -16.67 -2.81 17.45
CA PRO A 340 -17.84 -3.53 17.96
C PRO A 340 -19.18 -2.84 17.61
N ASP A 341 -19.15 -1.53 17.44
CA ASP A 341 -20.34 -0.77 17.06
C ASP A 341 -20.76 -1.06 15.61
N THR A 342 -19.93 -0.66 14.63
CA THR A 342 -20.28 -0.82 13.22
C THR A 342 -20.09 -2.26 12.77
N LYS A 343 -19.31 -3.03 13.53
CA LYS A 343 -18.95 -4.40 13.17
C LYS A 343 -18.14 -4.44 11.86
N LYS A 344 -17.43 -3.33 11.59
CA LYS A 344 -16.63 -3.17 10.38
C LYS A 344 -15.13 -2.99 10.74
N VAL A 345 -14.29 -3.05 9.70
CA VAL A 345 -12.88 -2.71 9.78
C VAL A 345 -12.66 -1.45 8.96
N HIS A 346 -12.04 -0.44 9.56
CA HIS A 346 -11.78 0.83 8.91
C HIS A 346 -10.29 1.03 8.77
N THR A 347 -9.74 0.57 7.65
CA THR A 347 -8.32 0.67 7.40
C THR A 347 -7.88 2.12 7.20
N ILE A 348 -6.58 2.35 7.29
CA ILE A 348 -5.99 3.61 6.90
C ILE A 348 -4.99 3.28 5.79
N PHE A 349 -5.17 3.93 4.64
CA PHE A 349 -4.28 3.77 3.51
C PHE A 349 -3.25 4.86 3.61
N ASN A 350 -1.97 4.47 3.63
CA ASN A 350 -0.89 5.44 3.54
C ASN A 350 -0.60 5.68 2.08
N GLN A 351 -0.84 6.91 1.63
CA GLN A 351 -0.68 7.33 0.24
C GLN A 351 0.67 7.94 -0.01
N ALA A 352 1.45 8.15 1.05
CA ALA A 352 2.74 8.80 0.94
C ALA A 352 3.81 8.05 1.70
N LEU A 353 4.01 6.78 1.38
CA LEU A 353 5.04 5.95 2.03
C LEU A 353 6.04 5.36 1.03
N THR A 354 5.51 4.59 0.08
CA THR A 354 6.33 3.77 -0.81
C THR A 354 7.07 4.59 -1.86
N GLN A 355 8.24 4.10 -2.25
CA GLN A 355 9.02 4.72 -3.30
C GLN A 355 8.55 4.34 -4.71
N THR A 356 7.66 3.35 -4.78
CA THR A 356 7.05 2.92 -6.05
C THR A 356 5.82 3.73 -6.45
N GLY A 357 5.08 4.23 -5.46
CA GLY A 357 3.83 4.95 -5.71
C GLY A 357 2.58 4.14 -5.32
N ARG A 358 2.78 2.95 -4.80
CA ARG A 358 1.65 2.11 -4.41
C ARG A 358 1.05 2.55 -3.08
N LEU A 359 -0.23 2.28 -2.89
CA LEU A 359 -0.88 2.54 -1.62
C LEU A 359 -0.42 1.49 -0.61
N SER A 360 -0.54 1.83 0.66
CA SER A 360 -0.25 0.91 1.73
C SER A 360 -1.43 0.93 2.67
N SER A 361 -1.58 -0.12 3.46
CA SER A 361 -2.78 -0.35 4.27
C SER A 361 -2.33 -0.78 5.67
N THR A 362 -2.92 -0.16 6.70
CA THR A 362 -2.64 -0.51 8.10
C THR A 362 -3.91 -0.65 8.96
N GLU A 363 -3.84 -1.45 10.01
CA GLU A 363 -4.90 -1.52 11.02
C GLU A 363 -6.33 -1.64 10.52
N PRO A 364 -6.60 -2.63 9.68
CA PRO A 364 -5.66 -3.71 9.38
C PRO A 364 -5.13 -3.64 7.97
N ASN A 365 -4.04 -4.33 7.71
CA ASN A 365 -3.50 -4.40 6.38
C ASN A 365 -4.33 -5.44 5.66
N LEU A 366 -5.11 -4.98 4.70
CA LEU A 366 -5.98 -5.86 3.95
C LEU A 366 -5.35 -6.29 2.64
N GLN A 367 -4.09 -5.90 2.44
CA GLN A 367 -3.38 -6.16 1.21
C GLN A 367 -2.56 -7.45 1.28
N ASN A 368 -2.54 -8.08 2.46
CA ASN A 368 -1.87 -9.38 2.62
C ASN A 368 -2.75 -10.49 3.23
N ILE A 369 -4.04 -10.49 2.91
CA ILE A 369 -4.95 -11.52 3.42
C ILE A 369 -4.81 -12.83 2.62
N PRO A 370 -4.61 -13.95 3.33
CA PRO A 370 -4.18 -15.23 2.72
C PRO A 370 -5.03 -15.69 1.55
N ILE A 371 -4.36 -16.19 0.52
CA ILE A 371 -5.02 -16.64 -0.72
C ILE A 371 -4.54 -18.03 -1.22
N ARG A 372 -3.23 -18.27 -1.22
CA ARG A 372 -2.67 -19.44 -1.91
C ARG A 372 -3.09 -20.74 -1.24
N LEU A 373 -3.05 -20.78 0.08
CA LEU A 373 -3.41 -22.00 0.82
C LEU A 373 -4.89 -21.94 1.19
N GLU A 374 -5.57 -23.05 0.95
CA GLU A 374 -7.02 -23.13 1.13
C GLU A 374 -7.43 -22.83 2.56
N GLU A 375 -6.64 -23.33 3.52
CA GLU A 375 -6.88 -23.04 4.95
C GLU A 375 -6.81 -21.54 5.21
N GLY A 376 -5.85 -20.88 4.55
CA GLY A 376 -5.68 -19.43 4.65
C GLY A 376 -6.69 -18.59 3.87
N ARG A 377 -7.17 -19.12 2.74
CA ARG A 377 -8.07 -18.38 1.85
C ARG A 377 -9.42 -18.12 2.50
N LYS A 378 -9.80 -19.06 3.36
CA LYS A 378 -11.08 -19.05 4.04
C LYS A 378 -11.27 -17.86 4.98
N ILE A 379 -10.21 -17.10 5.21
CA ILE A 379 -10.26 -15.87 6.00
C ILE A 379 -11.06 -14.79 5.28
N ARG A 380 -11.14 -14.92 3.96
CA ARG A 380 -11.87 -13.98 3.14
C ARG A 380 -13.37 -14.16 3.20
N GLN A 381 -13.80 -15.29 3.74
CA GLN A 381 -15.21 -15.53 4.00
C GLN A 381 -15.75 -14.59 5.07
N ALA A 382 -14.87 -14.12 5.94
CA ALA A 382 -15.23 -13.24 7.06
C ALA A 382 -15.56 -11.84 6.60
N PHE A 383 -15.14 -11.46 5.40
CA PHE A 383 -15.44 -10.13 4.88
C PHE A 383 -16.71 -10.24 4.09
N VAL A 384 -17.71 -9.47 4.48
CA VAL A 384 -19.05 -9.60 3.91
C VAL A 384 -19.61 -8.24 3.52
N PRO A 385 -20.71 -8.22 2.74
CA PRO A 385 -21.30 -6.94 2.35
C PRO A 385 -21.98 -6.20 3.50
N SER A 386 -21.89 -4.87 3.47
CA SER A 386 -22.35 -4.00 4.55
C SER A 386 -23.86 -3.96 4.73
N GLU A 387 -24.61 -4.34 3.71
CA GLU A 387 -26.07 -4.39 3.82
C GLU A 387 -26.63 -5.72 3.29
N SER A 388 -27.87 -6.01 3.65
CA SER A 388 -28.52 -7.22 3.19
C SER A 388 -28.90 -7.05 1.72
N ASP A 389 -28.92 -8.16 0.99
CA ASP A 389 -29.12 -8.18 -0.48
C ASP A 389 -28.05 -7.41 -1.24
N TRP A 390 -26.84 -7.37 -0.70
CA TRP A 390 -25.72 -6.76 -1.37
C TRP A 390 -24.70 -7.85 -1.60
N LEU A 391 -23.82 -7.64 -2.57
CA LEU A 391 -22.78 -8.59 -2.85
C LEU A 391 -21.46 -7.87 -2.94
N ILE A 392 -20.38 -8.64 -2.77
CA ILE A 392 -19.00 -8.19 -2.91
C ILE A 392 -18.60 -8.38 -4.36
N PHE A 393 -17.94 -7.37 -4.93
CA PHE A 393 -17.52 -7.38 -6.33
C PHE A 393 -16.01 -7.07 -6.42
N ALA A 394 -15.25 -7.95 -7.09
CA ALA A 394 -13.80 -7.79 -7.22
C ALA A 394 -13.41 -7.80 -8.69
N ALA A 395 -12.60 -6.83 -9.09
CA ALA A 395 -12.07 -6.75 -10.44
C ALA A 395 -10.57 -6.64 -10.30
N ASP A 396 -9.82 -7.36 -11.11
CA ASP A 396 -8.36 -7.24 -11.10
C ASP A 396 -7.74 -7.22 -12.50
N TYR A 397 -6.64 -6.47 -12.61
CA TYR A 397 -5.82 -6.47 -13.80
C TYR A 397 -5.08 -7.79 -13.90
N SER A 398 -5.00 -8.30 -15.13
CA SER A 398 -4.27 -9.52 -15.46
C SER A 398 -2.92 -9.10 -15.98
N GLN A 399 -1.88 -9.47 -15.24
CA GLN A 399 -0.49 -9.17 -15.56
C GLN A 399 -0.23 -7.71 -16.01
N ILE A 400 -0.72 -6.74 -15.25
CA ILE A 400 -0.57 -5.31 -15.62
C ILE A 400 0.88 -4.87 -15.64
N GLU A 401 1.72 -5.51 -14.84
CA GLU A 401 3.11 -5.09 -14.72
C GLU A 401 3.85 -5.54 -15.96
N LEU A 402 3.63 -6.79 -16.37
CA LEU A 402 4.26 -7.28 -17.59
C LEU A 402 3.76 -6.55 -18.84
N ARG A 403 2.50 -6.12 -18.84
CA ARG A 403 1.94 -5.38 -19.96
C ARG A 403 2.53 -3.99 -20.08
N VAL A 404 2.71 -3.33 -18.93
CA VAL A 404 3.43 -2.07 -18.88
C VAL A 404 4.86 -2.21 -19.41
N LEU A 405 5.53 -3.30 -19.01
CA LEU A 405 6.90 -3.58 -19.47
C LEU A 405 6.96 -3.68 -20.98
N ALA A 406 5.98 -4.36 -21.56
CA ALA A 406 5.90 -4.48 -22.99
C ALA A 406 5.76 -3.10 -23.63
N HIS A 407 5.00 -2.23 -22.97
CA HIS A 407 4.74 -0.88 -23.47
C HIS A 407 5.97 0.03 -23.39
N ILE A 408 6.61 0.06 -22.22
CA ILE A 408 7.78 0.91 -22.02
C ILE A 408 8.98 0.40 -22.80
N ALA A 409 9.16 -0.93 -22.84
CA ALA A 409 10.30 -1.55 -23.54
C ALA A 409 10.09 -1.63 -25.04
N GLU A 410 8.82 -1.73 -25.46
CA GLU A 410 8.46 -1.94 -26.86
C GLU A 410 9.10 -3.17 -27.47
N ASP A 411 9.17 -4.23 -26.65
CA ASP A 411 9.62 -5.51 -27.13
C ASP A 411 8.58 -6.09 -28.08
N ASP A 412 8.99 -6.43 -29.29
CA ASP A 412 8.03 -6.89 -30.29
C ASP A 412 7.35 -8.19 -29.85
N ASN A 413 8.15 -9.11 -29.36
CA ASN A 413 7.68 -10.42 -28.95
C ASN A 413 6.76 -10.36 -27.74
N LEU A 414 7.08 -9.52 -26.77
CA LEU A 414 6.25 -9.41 -25.58
C LEU A 414 4.93 -8.74 -25.91
N MET A 415 4.97 -7.72 -26.78
CA MET A 415 3.77 -7.03 -27.21
C MET A 415 2.83 -7.96 -27.98
N GLU A 416 3.41 -8.74 -28.90
CA GLU A 416 2.65 -9.74 -29.66
C GLU A 416 1.97 -10.74 -28.72
N ALA A 417 2.70 -11.16 -27.69
CA ALA A 417 2.18 -12.14 -26.75
C ALA A 417 0.90 -11.65 -26.04
N PHE A 418 0.90 -10.40 -25.59
CA PHE A 418 -0.28 -9.81 -24.92
C PHE A 418 -1.38 -9.39 -25.91
N ARG A 419 -1.01 -9.05 -27.13
CA ARG A 419 -2.01 -8.82 -28.15
C ARG A 419 -2.75 -10.10 -28.55
N ARG A 420 -2.09 -11.25 -28.41
CA ARG A 420 -2.73 -12.55 -28.62
C ARG A 420 -3.39 -13.03 -27.34
N ASP A 421 -3.19 -12.32 -26.25
CA ASP A 421 -3.70 -12.72 -24.94
C ASP A 421 -3.25 -14.15 -24.59
N LEU A 422 -1.98 -14.45 -24.86
CA LEU A 422 -1.42 -15.73 -24.48
C LEU A 422 -1.20 -15.80 -22.97
N ASP A 423 -1.21 -17.03 -22.44
CA ASP A 423 -0.62 -17.30 -21.13
C ASP A 423 0.89 -16.91 -21.15
N ILE A 424 1.21 -15.78 -20.51
CA ILE A 424 2.53 -15.19 -20.61
C ILE A 424 3.60 -16.11 -20.05
N HIS A 425 3.26 -16.81 -18.98
CA HIS A 425 4.19 -17.74 -18.33
C HIS A 425 4.51 -18.93 -19.26
N THR A 426 3.47 -19.53 -19.84
CA THR A 426 3.63 -20.63 -20.79
C THR A 426 4.43 -20.19 -22.02
N LYS A 427 4.13 -19.00 -22.51
CA LYS A 427 4.83 -18.41 -23.63
C LYS A 427 6.30 -18.13 -23.35
N THR A 428 6.58 -17.64 -22.16
CA THR A 428 7.95 -17.41 -21.71
C THR A 428 8.70 -18.71 -21.58
N ALA A 429 8.01 -19.73 -21.08
CA ALA A 429 8.58 -21.09 -21.05
C ALA A 429 8.86 -21.64 -22.47
N MET A 430 7.99 -21.37 -23.45
CA MET A 430 8.22 -21.83 -24.84
C MET A 430 9.44 -21.23 -25.49
N ASP A 431 9.76 -20.00 -25.11
CA ASP A 431 10.85 -19.27 -25.74
C ASP A 431 12.20 -19.60 -25.11
N ILE A 432 12.28 -19.51 -23.79
CA ILE A 432 13.55 -19.75 -23.11
C ILE A 432 13.93 -21.23 -23.04
N PHE A 433 13.03 -22.13 -23.42
CA PHE A 433 13.36 -23.57 -23.52
C PHE A 433 13.25 -24.11 -24.94
N GLN A 434 12.98 -23.23 -25.91
CA GLN A 434 12.89 -23.56 -27.34
C GLN A 434 12.07 -24.80 -27.66
N VAL A 435 10.86 -24.86 -27.11
CA VAL A 435 9.98 -26.00 -27.29
C VAL A 435 8.56 -25.53 -27.61
N SER A 436 7.71 -26.47 -28.00
CA SER A 436 6.34 -26.12 -28.37
C SER A 436 5.41 -26.17 -27.18
N GLU A 437 4.21 -25.65 -27.32
CA GLU A 437 3.28 -25.59 -26.20
C GLU A 437 3.02 -26.97 -25.61
N ASP A 438 2.93 -27.98 -26.46
CA ASP A 438 2.71 -29.35 -25.99
C ASP A 438 3.87 -29.76 -25.09
N GLU A 439 5.06 -29.32 -25.46
CA GLU A 439 6.28 -29.66 -24.75
C GLU A 439 6.52 -28.97 -23.40
N VAL A 440 5.74 -27.96 -23.05
CA VAL A 440 5.97 -27.26 -21.80
C VAL A 440 5.52 -28.14 -20.66
N THR A 441 6.48 -28.58 -19.86
CA THR A 441 6.19 -29.35 -18.65
C THR A 441 5.84 -28.38 -17.52
N PRO A 442 5.08 -28.85 -16.50
CA PRO A 442 4.73 -28.00 -15.35
C PRO A 442 5.90 -27.32 -14.65
N ASN A 443 7.03 -28.00 -14.54
CA ASN A 443 8.24 -27.42 -13.96
C ASN A 443 8.85 -26.35 -14.86
N MET A 444 8.89 -26.61 -16.17
CA MET A 444 9.27 -25.60 -17.16
C MET A 444 8.46 -24.31 -17.02
N ARG A 445 7.16 -24.43 -16.73
CA ARG A 445 6.31 -23.27 -16.56
C ARG A 445 6.50 -22.58 -15.22
N ARG A 446 6.75 -23.34 -14.16
CA ARG A 446 6.96 -22.77 -12.82
C ARG A 446 8.23 -21.92 -12.80
N GLN A 447 9.25 -22.37 -13.52
CA GLN A 447 10.53 -21.66 -13.59
C GLN A 447 10.48 -20.44 -14.50
N ALA A 448 9.72 -20.50 -15.59
CA ALA A 448 9.51 -19.32 -16.41
C ALA A 448 8.65 -18.29 -15.66
N LYS A 449 7.79 -18.76 -14.77
CA LYS A 449 6.97 -17.88 -13.93
C LYS A 449 7.87 -17.12 -12.95
N ALA A 450 8.79 -17.84 -12.32
CA ALA A 450 9.75 -17.26 -11.38
C ALA A 450 10.59 -16.15 -12.02
N VAL A 451 11.01 -16.37 -13.26
CA VAL A 451 11.78 -15.36 -14.01
C VAL A 451 10.95 -14.09 -14.24
N ASN A 452 9.70 -14.27 -14.67
CA ASN A 452 8.80 -13.13 -14.87
C ASN A 452 8.58 -12.39 -13.58
N PHE A 453 8.38 -13.15 -12.50
CA PHE A 453 8.26 -12.60 -11.15
C PHE A 453 9.48 -11.78 -10.74
N GLY A 454 10.67 -12.28 -11.06
CA GLY A 454 11.91 -11.57 -10.74
C GLY A 454 11.98 -10.21 -11.45
N ILE A 455 11.35 -10.13 -12.61
CA ILE A 455 11.29 -8.89 -13.34
C ILE A 455 10.25 -7.95 -12.73
N VAL A 456 9.07 -8.48 -12.43
CA VAL A 456 7.98 -7.67 -11.89
C VAL A 456 8.31 -7.02 -10.51
N TYR A 457 9.12 -7.73 -9.72
CA TYR A 457 9.52 -7.24 -8.40
C TYR A 457 10.99 -6.84 -8.27
N GLY A 458 11.74 -6.89 -9.36
CA GLY A 458 13.14 -6.52 -9.34
C GLY A 458 14.09 -7.27 -8.42
N ILE A 459 13.96 -8.58 -8.33
CA ILE A 459 14.87 -9.41 -7.54
C ILE A 459 16.23 -9.68 -8.22
N SER A 460 17.26 -9.90 -7.41
CA SER A 460 18.59 -10.20 -7.88
C SER A 460 18.71 -11.62 -8.41
N ASP A 461 19.75 -11.87 -9.19
CA ASP A 461 19.98 -13.21 -9.70
C ASP A 461 20.12 -14.10 -8.49
N TYR A 462 20.78 -13.58 -7.45
CA TYR A 462 20.87 -14.29 -6.17
C TYR A 462 19.47 -14.61 -5.65
N GLY A 463 18.56 -13.68 -5.84
CA GLY A 463 17.16 -13.86 -5.47
C GLY A 463 16.46 -14.92 -6.28
N LEU A 464 16.70 -14.93 -7.59
CA LEU A 464 16.07 -15.89 -8.48
C LEU A 464 16.51 -17.31 -8.16
N ALA A 465 17.80 -17.47 -7.86
CA ALA A 465 18.36 -18.77 -7.54
C ALA A 465 17.76 -19.34 -6.27
N GLN A 466 17.59 -18.51 -5.25
CA GLN A 466 17.02 -18.99 -4.00
C GLN A 466 15.61 -19.47 -4.22
N ASN A 467 14.86 -18.69 -5.01
CA ASN A 467 13.48 -19.02 -5.33
C ASN A 467 13.35 -20.31 -6.11
N LEU A 468 14.27 -20.53 -7.03
CA LEU A 468 14.24 -21.72 -7.86
C LEU A 468 15.04 -22.88 -7.25
N ASN A 469 15.66 -22.65 -6.11
CA ASN A 469 16.47 -23.68 -5.47
C ASN A 469 17.55 -24.18 -6.39
N ILE A 470 18.20 -23.24 -7.07
CA ILE A 470 19.24 -23.53 -8.05
C ILE A 470 20.46 -22.65 -7.84
N SER A 471 21.55 -23.03 -8.48
CA SER A 471 22.80 -22.29 -8.40
C SER A 471 22.69 -20.91 -9.03
N ARG A 472 23.52 -19.99 -8.53
CA ARG A 472 23.54 -18.62 -9.01
C ARG A 472 23.92 -18.57 -10.49
N LYS A 473 24.86 -19.40 -10.89
CA LYS A 473 25.30 -19.41 -12.28
C LYS A 473 24.19 -19.79 -13.26
N GLU A 474 23.44 -20.84 -12.92
CA GLU A 474 22.35 -21.28 -13.77
C GLU A 474 21.27 -20.22 -13.85
N ALA A 475 21.02 -19.59 -12.71
CA ALA A 475 20.03 -18.54 -12.59
C ALA A 475 20.38 -17.41 -13.52
N ALA A 476 21.67 -17.08 -13.58
CA ALA A 476 22.16 -16.06 -14.50
C ALA A 476 21.98 -16.51 -15.92
N GLU A 477 22.11 -17.81 -16.13
CA GLU A 477 21.94 -18.44 -17.42
C GLU A 477 20.51 -18.29 -17.92
N PHE A 478 19.56 -18.40 -17.00
CA PHE A 478 18.16 -18.28 -17.34
C PHE A 478 17.85 -16.89 -17.86
N ILE A 479 18.44 -15.90 -17.21
CA ILE A 479 18.17 -14.51 -17.49
C ILE A 479 18.70 -14.13 -18.86
N GLU A 480 19.92 -14.59 -19.17
CA GLU A 480 20.51 -14.34 -20.47
C GLU A 480 19.59 -14.94 -21.51
N ARG A 481 19.10 -16.13 -21.19
CA ARG A 481 18.20 -16.87 -22.06
C ARG A 481 16.87 -16.13 -22.32
N TYR A 482 16.33 -15.51 -21.26
CA TYR A 482 15.16 -14.67 -21.39
C TYR A 482 15.43 -13.45 -22.28
N PHE A 483 16.61 -12.85 -22.13
CA PHE A 483 16.95 -11.66 -22.89
C PHE A 483 17.18 -11.96 -24.36
N GLU A 484 17.52 -13.20 -24.70
CA GLU A 484 17.67 -13.58 -26.11
C GLU A 484 16.29 -13.61 -26.73
N SER A 485 15.33 -14.15 -25.97
CA SER A 485 13.95 -14.21 -26.40
C SER A 485 13.26 -12.85 -26.32
N PHE A 486 13.72 -12.00 -25.42
CA PHE A 486 13.11 -10.66 -25.23
C PHE A 486 14.10 -9.51 -25.30
N PRO A 487 14.70 -9.30 -26.49
CA PRO A 487 15.73 -8.30 -26.72
C PRO A 487 15.36 -6.91 -26.28
N GLY A 488 14.09 -6.53 -26.47
CA GLY A 488 13.61 -5.19 -26.12
C GLY A 488 13.67 -4.88 -24.63
N VAL A 489 13.36 -5.87 -23.80
CA VAL A 489 13.43 -5.74 -22.36
C VAL A 489 14.89 -5.58 -21.92
N LYS A 490 15.77 -6.43 -22.41
CA LYS A 490 17.21 -6.27 -22.17
C LYS A 490 17.66 -4.85 -22.50
N ARG A 491 17.19 -4.37 -23.64
CA ARG A 491 17.46 -3.03 -24.15
C ARG A 491 16.95 -2.00 -23.16
N TYR A 492 15.71 -2.17 -22.74
CA TYR A 492 15.10 -1.29 -21.72
C TYR A 492 15.89 -1.28 -20.41
N MET A 493 16.31 -2.45 -19.93
CA MET A 493 17.04 -2.54 -18.66
C MET A 493 18.36 -1.78 -18.75
N GLU A 494 19.07 -1.98 -19.86
CA GLU A 494 20.33 -1.28 -20.12
C GLU A 494 20.06 0.23 -20.17
N ASN A 495 19.06 0.63 -20.95
CA ASN A 495 18.83 2.06 -21.18
C ASN A 495 18.32 2.79 -19.96
N ILE A 496 17.52 2.11 -19.15
CA ILE A 496 16.94 2.72 -17.97
C ILE A 496 18.03 2.97 -16.90
N VAL A 497 18.93 2.01 -16.75
CA VAL A 497 19.99 2.14 -15.77
C VAL A 497 20.87 3.31 -16.14
N GLN A 498 21.12 3.45 -17.43
CA GLN A 498 21.92 4.52 -17.95
C GLN A 498 21.28 5.87 -17.68
N GLU A 499 19.97 5.94 -17.88
CA GLU A 499 19.21 7.16 -17.65
C GLU A 499 19.22 7.55 -16.18
N ALA A 500 19.09 6.56 -15.31
CA ALA A 500 19.07 6.79 -13.88
C ALA A 500 20.40 7.39 -13.45
N LYS A 501 21.49 6.89 -14.04
CA LYS A 501 22.83 7.43 -13.81
C LYS A 501 22.99 8.84 -14.33
N GLN A 502 22.40 9.12 -15.47
CA GLN A 502 22.53 10.41 -16.13
C GLN A 502 21.72 11.51 -15.43
N LYS A 503 20.45 11.22 -15.13
CA LYS A 503 19.54 12.21 -14.53
C LYS A 503 19.48 12.20 -13.02
N GLY A 504 19.76 11.05 -12.42
CA GLY A 504 19.68 10.89 -10.95
C GLY A 504 18.38 10.31 -10.46
N TYR A 505 17.45 10.03 -11.38
CA TYR A 505 16.14 9.50 -11.02
C TYR A 505 15.53 8.78 -12.20
N VAL A 506 14.48 8.03 -11.94
CA VAL A 506 13.66 7.40 -12.98
C VAL A 506 12.22 7.83 -12.79
N THR A 507 11.43 7.86 -13.86
CA THR A 507 10.05 8.32 -13.76
C THR A 507 9.06 7.25 -14.21
N THR A 508 7.80 7.42 -13.81
CA THR A 508 6.74 6.51 -14.23
C THR A 508 5.90 7.13 -15.36
N LEU A 509 4.94 6.38 -15.87
CA LEU A 509 4.10 6.82 -16.95
C LEU A 509 3.50 8.21 -16.71
N LEU A 510 3.00 8.41 -15.50
CA LEU A 510 2.30 9.61 -15.13
C LEU A 510 3.18 10.65 -14.42
N HIS A 511 4.50 10.48 -14.54
CA HIS A 511 5.48 11.45 -14.07
C HIS A 511 5.91 11.36 -12.60
N ARG A 512 5.58 10.26 -11.96
CA ARG A 512 6.06 9.96 -10.63
C ARG A 512 7.56 9.78 -10.74
N ARG A 513 8.27 10.01 -9.65
CA ARG A 513 9.72 10.11 -9.71
C ARG A 513 10.40 9.44 -8.56
N ARG A 514 11.51 8.78 -8.84
CA ARG A 514 12.31 8.15 -7.81
C ARG A 514 13.79 8.42 -8.00
N TYR A 515 14.45 8.95 -6.98
CA TYR A 515 15.86 9.26 -7.05
C TYR A 515 16.72 8.07 -6.68
N LEU A 516 17.81 7.89 -7.42
CA LEU A 516 18.70 6.76 -7.18
C LEU A 516 20.15 7.19 -7.10
N PRO A 517 20.54 7.73 -5.94
CA PRO A 517 21.89 8.17 -5.59
C PRO A 517 22.91 7.06 -5.51
N ASP A 518 22.47 5.87 -5.14
CA ASP A 518 23.35 4.73 -4.98
C ASP A 518 23.64 4.06 -6.31
N ILE A 519 23.09 4.61 -7.39
CA ILE A 519 23.35 4.10 -8.73
C ILE A 519 24.85 4.16 -9.03
N THR A 520 25.49 5.22 -8.57
CA THR A 520 26.92 5.46 -8.78
C THR A 520 27.78 4.92 -7.67
N SER A 521 27.17 4.23 -6.72
CA SER A 521 27.90 3.67 -5.59
C SER A 521 28.97 2.70 -6.04
N ARG A 522 30.07 2.68 -5.31
CA ARG A 522 31.17 1.79 -5.63
C ARG A 522 31.13 0.48 -4.88
N ASN A 523 30.06 0.25 -4.13
CA ASN A 523 29.84 -1.02 -3.49
C ASN A 523 28.84 -1.84 -4.29
N PHE A 524 29.20 -3.07 -4.62
CA PHE A 524 28.38 -3.95 -5.47
C PHE A 524 26.91 -4.06 -5.05
N ASN A 525 26.66 -4.66 -3.89
CA ASN A 525 25.29 -4.95 -3.46
C ASN A 525 24.45 -3.68 -3.47
N VAL A 526 25.04 -2.57 -3.00
CA VAL A 526 24.35 -1.28 -2.97
C VAL A 526 24.05 -0.75 -4.37
N ARG A 527 25.03 -0.81 -5.26
CA ARG A 527 24.82 -0.42 -6.66
C ARG A 527 23.77 -1.31 -7.35
N SER A 528 23.82 -2.61 -7.08
CA SER A 528 22.93 -3.57 -7.75
C SER A 528 21.48 -3.30 -7.38
N PHE A 529 21.23 -3.06 -6.10
CA PHE A 529 19.90 -2.73 -5.67
C PHE A 529 19.38 -1.50 -6.43
N ALA A 530 20.24 -0.48 -6.56
CA ALA A 530 19.85 0.79 -7.17
C ALA A 530 19.54 0.59 -8.63
N GLU A 531 20.33 -0.24 -9.30
CA GLU A 531 20.06 -0.59 -10.68
C GLU A 531 18.72 -1.33 -10.82
N ARG A 532 18.43 -2.26 -9.91
CA ARG A 532 17.18 -3.02 -9.97
C ARG A 532 15.95 -2.14 -9.71
N MET A 533 16.08 -1.19 -8.80
CA MET A 533 15.03 -0.24 -8.53
C MET A 533 14.83 0.70 -9.73
N ALA A 534 15.93 1.02 -10.42
CA ALA A 534 15.86 1.77 -11.66
C ALA A 534 15.04 0.99 -12.70
N MET A 535 15.32 -0.31 -12.79
CA MET A 535 14.60 -1.15 -13.73
C MET A 535 13.13 -1.29 -13.31
N ASN A 536 12.94 -1.55 -12.04
CA ASN A 536 11.65 -1.95 -11.51
C ASN A 536 10.62 -0.83 -11.31
N THR A 537 11.06 0.36 -10.90
CA THR A 537 10.10 1.39 -10.49
C THR A 537 9.22 1.86 -11.65
N PRO A 538 9.82 2.13 -12.81
CA PRO A 538 8.98 2.50 -13.94
C PRO A 538 7.90 1.45 -14.24
N ILE A 539 8.20 0.17 -14.09
CA ILE A 539 7.18 -0.84 -14.28
C ILE A 539 6.16 -0.88 -13.15
N GLN A 540 6.67 -0.95 -11.92
CA GLN A 540 5.83 -1.01 -10.73
C GLN A 540 5.08 0.29 -10.46
N GLY A 541 5.78 1.40 -10.65
CA GLY A 541 5.24 2.73 -10.44
C GLY A 541 4.15 3.11 -11.41
N SER A 542 4.32 2.74 -12.66
CA SER A 542 3.35 3.05 -13.72
C SER A 542 2.06 2.27 -13.50
N ALA A 543 2.18 1.03 -13.05
CA ALA A 543 1.00 0.21 -12.69
C ALA A 543 0.24 0.83 -11.51
N ALA A 544 0.96 1.31 -10.52
CA ALA A 544 0.36 2.10 -9.45
C ALA A 544 -0.36 3.31 -10.03
N ASP A 545 0.29 4.00 -10.96
CA ASP A 545 -0.33 5.15 -11.59
C ASP A 545 -1.68 4.79 -12.23
N ILE A 546 -1.70 3.70 -12.99
CA ILE A 546 -2.90 3.28 -13.70
C ILE A 546 -4.08 2.90 -12.81
N ILE A 547 -3.81 2.14 -11.76
CA ILE A 547 -4.88 1.76 -10.85
C ILE A 547 -5.45 2.97 -10.13
N LYS A 548 -4.58 3.92 -9.78
CA LYS A 548 -5.02 5.17 -9.15
C LYS A 548 -5.92 6.00 -10.06
N LYS A 549 -5.56 6.11 -11.33
CA LYS A 549 -6.42 6.84 -12.29
C LYS A 549 -7.73 6.09 -12.55
N ALA A 550 -7.67 4.77 -12.53
CA ALA A 550 -8.89 3.93 -12.63
C ALA A 550 -9.83 4.16 -11.45
N MET A 551 -9.26 4.29 -10.25
CA MET A 551 -10.11 4.54 -9.09
C MET A 551 -10.86 5.88 -9.27
N ILE A 552 -10.18 6.86 -9.82
CA ILE A 552 -10.77 8.17 -9.99
C ILE A 552 -11.83 8.11 -11.08
N ASP A 553 -11.48 7.46 -12.19
CA ASP A 553 -12.43 7.29 -13.29
C ASP A 553 -13.63 6.48 -12.81
N LEU A 554 -13.41 5.40 -12.07
CA LEU A 554 -14.53 4.55 -11.65
C LEU A 554 -15.49 5.34 -10.77
N ASN A 555 -14.94 6.06 -9.80
CA ASN A 555 -15.74 6.89 -8.91
C ASN A 555 -16.62 7.89 -9.65
N ALA A 556 -16.10 8.49 -10.72
CA ALA A 556 -16.85 9.44 -11.53
C ALA A 556 -17.98 8.73 -12.27
N ARG A 557 -17.71 7.52 -12.75
CA ARG A 557 -18.69 6.77 -13.50
C ARG A 557 -19.78 6.20 -12.61
N LEU A 558 -19.41 5.84 -11.38
CA LEU A 558 -20.38 5.27 -10.48
C LEU A 558 -21.38 6.34 -10.22
N LYS A 559 -20.88 7.54 -10.00
CA LYS A 559 -21.73 8.68 -9.73
C LYS A 559 -22.61 9.05 -10.93
N GLU A 560 -22.01 9.10 -12.12
CA GLU A 560 -22.76 9.39 -13.33
C GLU A 560 -23.91 8.42 -13.53
N GLU A 561 -23.61 7.13 -13.34
CA GLU A 561 -24.57 6.03 -13.55
C GLU A 561 -25.61 5.92 -12.44
N ARG A 562 -25.45 6.70 -11.37
CA ARG A 562 -26.38 6.69 -10.26
C ARG A 562 -26.44 5.34 -9.52
N LEU A 563 -25.30 4.66 -9.46
CA LEU A 563 -25.22 3.38 -8.79
C LEU A 563 -24.90 3.59 -7.32
N GLN A 564 -25.51 2.78 -6.47
CA GLN A 564 -25.24 2.78 -5.03
C GLN A 564 -23.96 2.05 -4.70
N ALA A 565 -23.35 1.41 -5.69
CA ALA A 565 -22.13 0.62 -5.51
C ALA A 565 -21.00 1.50 -5.05
N ARG A 566 -20.10 0.96 -4.23
CA ARG A 566 -18.98 1.73 -3.67
C ARG A 566 -17.67 0.98 -3.50
N LEU A 567 -16.58 1.66 -3.86
CA LEU A 567 -15.24 1.19 -3.54
C LEU A 567 -15.09 0.90 -2.07
N LEU A 568 -14.58 -0.29 -1.77
CA LEU A 568 -14.21 -0.64 -0.41
C LEU A 568 -12.69 -0.67 -0.25
N LEU A 569 -12.01 -1.49 -1.06
CA LEU A 569 -10.57 -1.69 -0.94
C LEU A 569 -9.83 -1.61 -2.24
N GLN A 570 -8.53 -1.47 -2.09
CA GLN A 570 -7.59 -1.54 -3.19
C GLN A 570 -6.52 -2.47 -2.68
N VAL A 571 -6.18 -3.51 -3.44
CA VAL A 571 -5.10 -4.43 -3.09
C VAL A 571 -4.16 -4.60 -4.28
N HIS A 572 -3.49 -3.53 -4.64
CA HIS A 572 -2.45 -3.54 -5.65
C HIS A 572 -2.86 -3.76 -7.07
N ASP A 573 -3.45 -4.91 -7.37
CA ASP A 573 -3.88 -5.17 -8.72
CA ASP A 573 -3.86 -5.19 -8.73
C ASP A 573 -5.35 -5.06 -8.89
N GLU A 574 -6.07 -5.14 -7.78
CA GLU A 574 -7.52 -5.24 -7.81
C GLU A 574 -8.29 -4.21 -7.00
N LEU A 575 -9.49 -3.92 -7.46
CA LEU A 575 -10.45 -3.09 -6.72
C LEU A 575 -11.56 -3.99 -6.21
N ILE A 576 -11.94 -3.80 -4.95
CA ILE A 576 -13.04 -4.54 -4.35
C ILE A 576 -14.16 -3.56 -4.11
N LEU A 577 -15.37 -3.95 -4.46
CA LEU A 577 -16.55 -3.09 -4.30
C LEU A 577 -17.64 -3.89 -3.62
N GLU A 578 -18.64 -3.17 -3.12
CA GLU A 578 -19.86 -3.83 -2.66
C GLU A 578 -21.00 -3.06 -3.28
N ALA A 579 -22.05 -3.80 -3.66
CA ALA A 579 -23.21 -3.19 -4.27
C ALA A 579 -24.43 -4.09 -4.06
N PRO A 580 -25.62 -3.57 -4.35
CA PRO A 580 -26.86 -4.40 -4.40
C PRO A 580 -26.81 -5.42 -5.53
N LYS A 581 -27.40 -6.59 -5.34
CA LYS A 581 -27.31 -7.65 -6.38
C LYS A 581 -27.90 -7.20 -7.72
N GLU A 582 -28.78 -6.21 -7.68
CA GLU A 582 -29.40 -5.68 -8.87
C GLU A 582 -28.43 -4.88 -9.74
N GLU A 583 -27.25 -4.56 -9.20
CA GLU A 583 -26.22 -3.80 -9.92
C GLU A 583 -25.08 -4.66 -10.48
N MET A 584 -25.03 -5.94 -10.09
CA MET A 584 -23.93 -6.82 -10.51
C MET A 584 -23.79 -6.87 -12.02
N GLU A 585 -24.88 -7.12 -12.73
CA GLU A 585 -24.85 -7.23 -14.18
C GLU A 585 -24.32 -5.97 -14.86
N ARG A 586 -24.69 -4.80 -14.35
CA ARG A 586 -24.19 -3.53 -14.86
C ARG A 586 -22.71 -3.31 -14.54
N LEU A 587 -22.29 -3.65 -13.32
CA LEU A 587 -20.89 -3.52 -12.90
C LEU A 587 -19.98 -4.47 -13.67
N CYS A 588 -20.49 -5.64 -14.03
CA CYS A 588 -19.66 -6.60 -14.72
C CYS A 588 -19.19 -5.97 -16.02
N ARG A 589 -20.12 -5.33 -16.70
CA ARG A 589 -19.81 -4.59 -17.90
C ARG A 589 -19.03 -3.31 -17.63
N LEU A 590 -19.50 -2.54 -16.65
CA LEU A 590 -18.95 -1.22 -16.29
C LEU A 590 -17.58 -1.06 -15.63
N VAL A 591 -17.29 -1.90 -14.65
CA VAL A 591 -16.08 -1.76 -13.85
C VAL A 591 -14.81 -2.20 -14.60
N PRO A 592 -14.87 -3.34 -15.33
CA PRO A 592 -13.78 -3.71 -16.24
C PRO A 592 -13.48 -2.69 -17.35
N GLU A 593 -14.52 -2.10 -17.93
CA GLU A 593 -14.36 -1.07 -18.98
C GLU A 593 -13.57 0.17 -18.48
N VAL A 594 -13.93 0.66 -17.28
CA VAL A 594 -13.23 1.81 -16.70
C VAL A 594 -11.74 1.52 -16.41
N MET A 595 -11.48 0.33 -15.87
CA MET A 595 -10.12 -0.09 -15.53
C MET A 595 -9.25 -0.28 -16.77
N GLU A 596 -9.85 -0.82 -17.81
CA GLU A 596 -9.17 -1.05 -19.09
C GLU A 596 -8.89 0.23 -19.88
N GLN A 597 -9.75 1.24 -19.75
CA GLN A 597 -9.62 2.48 -20.53
C GLN A 597 -8.91 3.59 -19.78
N ALA A 598 -8.38 3.29 -18.60
CA ALA A 598 -7.78 4.31 -17.74
C ALA A 598 -6.62 5.00 -18.45
N VAL A 599 -5.81 4.21 -19.11
CA VAL A 599 -4.75 4.72 -19.95
C VAL A 599 -4.75 3.86 -21.19
N THR A 600 -4.19 4.36 -22.28
CA THR A 600 -4.06 3.59 -23.50
C THR A 600 -2.60 3.25 -23.68
N LEU A 601 -2.30 1.99 -23.86
CA LEU A 601 -0.93 1.53 -24.05
C LEU A 601 -0.78 0.85 -25.41
N ARG A 602 0.40 0.34 -25.68
CA ARG A 602 0.69 -0.36 -26.92
C ARG A 602 0.19 -1.79 -26.86
N VAL A 603 -0.27 -2.20 -25.70
CA VAL A 603 -0.88 -3.50 -25.55
C VAL A 603 -2.18 -3.27 -24.82
N PRO A 604 -3.12 -4.19 -24.94
CA PRO A 604 -4.39 -4.03 -24.25
C PRO A 604 -4.23 -4.23 -22.77
N LEU A 605 -5.19 -3.77 -21.99
CA LEU A 605 -5.19 -4.03 -20.57
C LEU A 605 -6.30 -5.02 -20.34
N LYS A 606 -6.10 -5.99 -19.46
CA LYS A 606 -7.10 -7.02 -19.26
C LYS A 606 -7.55 -7.04 -17.82
N VAL A 607 -8.86 -7.07 -17.61
CA VAL A 607 -9.43 -7.08 -16.28
C VAL A 607 -10.35 -8.28 -16.07
N ASP A 608 -10.11 -9.04 -15.03
CA ASP A 608 -11.04 -10.11 -14.65
C ASP A 608 -11.92 -9.61 -13.52
N TYR A 609 -13.13 -10.14 -13.44
CA TYR A 609 -14.08 -9.79 -12.38
C TYR A 609 -14.88 -11.01 -11.92
N HIS A 610 -15.34 -10.93 -10.68
CA HIS A 610 -16.09 -11.97 -9.99
C HIS A 610 -16.89 -11.36 -8.87
N TYR A 611 -17.88 -12.08 -8.38
CA TYR A 611 -18.70 -11.59 -7.29
C TYR A 611 -19.38 -12.69 -6.53
N GLY A 612 -19.70 -12.42 -5.27
CA GLY A 612 -20.22 -13.44 -4.41
C GLY A 612 -20.71 -12.91 -3.07
N SER A 613 -21.17 -13.82 -2.23
CA SER A 613 -21.71 -13.47 -0.91
C SER A 613 -20.61 -13.05 0.07
N THR A 614 -19.37 -13.43 -0.22
CA THR A 614 -18.22 -12.99 0.57
C THR A 614 -17.07 -12.65 -0.39
N TRP A 615 -16.06 -11.93 0.10
CA TRP A 615 -14.86 -11.61 -0.68
C TRP A 615 -14.25 -12.88 -1.24
N TYR A 616 -14.17 -13.91 -0.40
CA TYR A 616 -13.73 -15.24 -0.77
C TYR A 616 -14.47 -15.75 -2.00
N ASP A 617 -15.80 -15.60 -1.97
CA ASP A 617 -16.66 -16.11 -3.03
C ASP A 617 -16.50 -15.35 -4.36
N ALA A 618 -15.85 -14.18 -4.32
CA ALA A 618 -15.56 -13.43 -5.51
C ALA A 618 -14.25 -13.90 -6.15
N LYS A 619 -14.21 -15.19 -6.49
CA LYS A 619 -13.03 -15.86 -7.06
C LYS A 619 -13.47 -16.46 -8.38
O1P FOX C 4 16.84 -10.27 -4.81
P FOX C 4 16.82 -9.57 -3.47
O2P FOX C 4 18.03 -8.80 -3.01
O5' FOX C 4 15.55 -8.59 -3.44
C5' FOX C 4 15.45 -7.55 -2.48
C4' FOX C 4 14.34 -6.59 -2.91
C6' FOX C 4 13.50 -7.24 -3.88
C3' FOX C 4 13.47 -6.15 -1.74
O3' FOX C 4 13.44 -4.71 -1.63
C2' FOX C 4 12.09 -6.71 -2.03
C1' FOX C 4 12.15 -7.34 -3.40
N9 FOX C 4 11.75 -8.72 -3.24
C4 FOX C 4 10.44 -9.08 -3.13
N3 FOX C 4 9.49 -8.14 -3.36
C2 FOX C 4 8.17 -8.42 -3.26
N2 FOX C 4 7.23 -7.46 -3.50
N1 FOX C 4 7.77 -9.67 -2.90
C6 FOX C 4 8.69 -10.64 -2.67
O6 FOX C 4 8.25 -11.78 -2.35
C5 FOX C 4 10.06 -10.38 -2.76
N7 FOX C 4 11.03 -11.34 -2.55
C8 FOX C 4 10.83 -12.63 -2.29
O8 FOX C 4 11.59 -13.41 -2.89
MG MG D . -4.44 -10.38 -10.55
S SO4 E . -0.87 -18.84 -12.97
O1 SO4 E . -1.05 -17.56 -13.62
O2 SO4 E . -1.43 -18.82 -11.62
O3 SO4 E . -1.51 -19.93 -13.69
O4 SO4 E . 0.55 -19.12 -12.89
S SO4 F . 4.41 -18.11 -33.46
O1 SO4 F . 3.95 -16.90 -34.19
O2 SO4 F . 3.71 -18.23 -32.16
O3 SO4 F . 4.01 -19.26 -34.24
O4 SO4 F . 5.82 -17.94 -33.18
#